data_6UPS
#
_entry.id   6UPS
#
_cell.length_a   114.787
_cell.length_b   43.093
_cell.length_c   58.244
_cell.angle_alpha   90.000
_cell.angle_beta   90.000
_cell.angle_gamma   90.000
#
_symmetry.space_group_name_H-M   'P 21 21 2'
#
loop_
_entity.id
_entity.type
_entity.pdbx_description
1 polymer 'ULP_PROTEASE domain-containing protein'
2 water water
#
_entity_poly.entity_id   1
_entity_poly.type   'polypeptide(L)'
_entity_poly.pdbx_seq_one_letter_code
;G(MSE)ANDQDLSNPEYLYTEDDINQLLKHYLGLDDRISIIQHVALNESLLLKQTLHQVLSDIFSG(MSE)QEKAVIPLH
TGNNHWVA(MSE)AIKKG(MSE)NDDIVISYNDP(MSE)GVSIDDKVTLINCIKELCPGAKINDLQTVQQTNVYDCGPFV
VDNLIK(MSE)SQGQPILSTEEAKQQAQNIRQSQVNFLSENR(MSE)ITSAAAALADTLLKNNNRITEGVLVDRIFDNKI
LSVQEKQQLLNNLLDNHIKENKSLTKESLTR(MSE)LASTHFVQQQANVLLN
;
_entity_poly.pdbx_strand_id   A
#
# COMPACT_ATOMS: atom_id res chain seq x y z
N ASP A 7 9.16 8.41 -13.26
CA ASP A 7 9.03 7.26 -14.20
C ASP A 7 9.37 5.93 -13.52
N LEU A 8 8.41 5.02 -13.47
CA LEU A 8 8.55 3.74 -12.72
C LEU A 8 9.67 2.86 -13.31
N SER A 9 9.90 2.94 -14.61
CA SER A 9 10.93 2.12 -15.28
C SER A 9 12.34 2.60 -14.89
N ASN A 10 12.47 3.80 -14.35
CA ASN A 10 13.77 4.32 -13.90
C ASN A 10 14.19 3.52 -12.66
N PRO A 11 15.36 2.79 -12.66
CA PRO A 11 15.91 2.03 -11.49
C PRO A 11 16.08 2.92 -10.24
N GLU A 12 16.04 4.23 -10.40
CA GLU A 12 16.29 5.18 -9.29
C GLU A 12 14.99 5.91 -8.89
N TYR A 13 13.85 5.44 -9.37
CA TYR A 13 12.54 6.03 -9.03
C TYR A 13 12.32 5.98 -7.51
N LEU A 14 11.98 7.13 -6.94
CA LEU A 14 11.68 7.22 -5.49
C LEU A 14 10.22 6.92 -5.27
N TYR A 15 9.93 5.87 -4.50
CA TYR A 15 8.53 5.52 -4.13
C TYR A 15 7.89 6.72 -3.47
N THR A 16 6.64 6.97 -3.82
CA THR A 16 5.80 7.99 -3.14
C THR A 16 4.95 7.30 -2.07
N GLU A 17 4.23 8.10 -1.31
CA GLU A 17 3.29 7.60 -0.28
C GLU A 17 2.24 6.70 -0.95
N ASP A 18 1.67 7.13 -2.06
CA ASP A 18 0.64 6.34 -2.75
C ASP A 18 1.23 5.02 -3.24
N ASP A 19 2.47 5.02 -3.73
CA ASP A 19 3.10 3.78 -4.22
C ASP A 19 3.15 2.76 -3.08
N ILE A 20 3.64 3.18 -1.91
CA ILE A 20 3.78 2.24 -0.76
C ILE A 20 2.39 1.77 -0.32
N ASN A 21 1.43 2.67 -0.25
CA ASN A 21 0.04 2.31 0.14
C ASN A 21 -0.49 1.25 -0.81
N GLN A 22 -0.36 1.46 -2.13
CA GLN A 22 -0.87 0.51 -3.14
C GLN A 22 -0.19 -0.84 -2.96
N LEU A 23 1.11 -0.86 -2.67
CA LEU A 23 1.82 -2.14 -2.52
C LEU A 23 1.36 -2.86 -1.26
N LEU A 24 1.24 -2.13 -0.15
CA LEU A 24 0.88 -2.75 1.13
C LEU A 24 -0.56 -3.30 1.06
N LYS A 25 -1.47 -2.55 0.50
CA LYS A 25 -2.89 -3.00 0.25
C LYS A 25 -2.88 -4.25 -0.62
N HIS A 26 -2.07 -4.24 -1.68
CA HIS A 26 -1.99 -5.40 -2.60
C HIS A 26 -1.51 -6.64 -1.82
N TYR A 27 -0.42 -6.51 -1.04
CA TYR A 27 0.18 -7.69 -0.40
C TYR A 27 -0.64 -8.15 0.82
N LEU A 28 -1.11 -7.21 1.63
CA LEU A 28 -1.68 -7.58 3.00
C LEU A 28 -3.20 -7.42 3.05
N GLY A 29 -3.81 -6.78 2.07
CA GLY A 29 -5.19 -6.25 2.16
C GLY A 29 -6.27 -7.30 2.31
N LEU A 30 -6.00 -8.58 2.07
CA LEU A 30 -7.05 -9.62 2.23
C LEU A 30 -7.37 -9.87 3.69
N ASP A 31 -6.48 -9.47 4.61
CA ASP A 31 -6.78 -9.55 6.06
C ASP A 31 -7.24 -8.15 6.49
N ASP A 32 -8.53 -8.00 6.77
CA ASP A 32 -9.12 -6.72 7.21
C ASP A 32 -8.70 -6.37 8.64
N ARG A 33 -8.03 -7.28 9.34
CA ARG A 33 -7.53 -7.04 10.73
C ARG A 33 -6.16 -6.33 10.72
N ILE A 34 -5.59 -6.09 9.55
CA ILE A 34 -4.33 -5.33 9.41
C ILE A 34 -4.66 -3.90 9.02
N SER A 35 -4.26 -2.93 9.85
CA SER A 35 -4.39 -1.49 9.54
C SER A 35 -3.17 -1.05 8.72
N ILE A 36 -3.46 -0.51 7.54
CA ILE A 36 -2.42 0.03 6.62
C ILE A 36 -2.43 1.55 6.71
N ILE A 37 -1.44 2.11 7.40
CA ILE A 37 -1.40 3.57 7.69
C ILE A 37 -0.71 4.26 6.50
N GLN A 38 -1.29 5.38 6.04
CA GLN A 38 -0.81 5.99 4.75
C GLN A 38 0.13 7.15 5.03
N HIS A 39 -0.26 8.10 5.87
CA HIS A 39 0.49 9.37 6.00
C HIS A 39 0.92 9.57 7.46
N VAL A 40 2.19 9.45 7.72
CA VAL A 40 2.79 9.68 9.06
C VAL A 40 4.23 10.14 8.83
N ALA A 41 4.60 11.23 9.46
CA ALA A 41 5.94 11.85 9.34
C ALA A 41 6.43 12.29 10.71
N LEU A 42 7.72 12.10 10.97
CA LEU A 42 8.31 12.49 12.28
C LEU A 42 8.27 14.00 12.47
N ASN A 43 8.20 14.80 11.41
CA ASN A 43 8.20 16.26 11.54
C ASN A 43 6.79 16.80 11.85
N GLU A 44 5.82 15.90 11.88
CA GLU A 44 4.44 16.19 12.33
C GLU A 44 4.15 15.39 13.60
N SER A 45 4.70 15.82 14.74
CA SER A 45 4.59 15.08 16.03
C SER A 45 3.14 14.89 16.50
N LEU A 46 2.28 15.89 16.30
CA LEU A 46 0.90 15.79 16.83
C LEU A 46 0.16 14.71 16.05
N LEU A 47 0.24 14.79 14.71
CA LEU A 47 -0.42 13.78 13.85
C LEU A 47 0.15 12.38 14.12
N LEU A 48 1.46 12.26 14.32
CA LEU A 48 2.09 10.96 14.62
C LEU A 48 1.46 10.36 15.89
N LYS A 49 1.38 11.15 16.96
CA LYS A 49 0.85 10.63 18.24
C LYS A 49 -0.61 10.24 18.05
N GLN A 50 -1.37 11.07 17.35
CA GLN A 50 -2.79 10.75 17.07
C GLN A 50 -2.84 9.41 16.33
N THR A 51 -1.94 9.24 15.36
CA THR A 51 -1.96 8.05 14.50
C THR A 51 -1.61 6.82 15.33
N LEU A 52 -0.54 6.89 16.09
CA LEU A 52 -0.11 5.73 16.93
C LEU A 52 -1.21 5.42 17.95
N HIS A 53 -1.81 6.44 18.53
CA HIS A 53 -2.84 6.23 19.58
C HIS A 53 -4.04 5.50 18.98
N GLN A 54 -4.52 5.94 17.82
CA GLN A 54 -5.62 5.27 17.12
C GLN A 54 -5.28 3.79 16.88
N VAL A 55 -4.09 3.52 16.38
CA VAL A 55 -3.64 2.13 16.15
C VAL A 55 -3.67 1.33 17.46
N LEU A 56 -3.11 1.89 18.53
CA LEU A 56 -3.04 1.20 19.82
C LEU A 56 -4.47 0.98 20.39
N SER A 57 -5.38 1.91 20.14
CA SER A 57 -6.76 1.78 20.64
C SER A 57 -7.50 0.67 19.85
N ASP A 58 -7.20 0.54 18.56
CA ASP A 58 -7.80 -0.52 17.71
C ASP A 58 -7.24 -1.89 18.13
N ILE A 59 -5.99 -1.95 18.54
CA ILE A 59 -5.45 -3.24 19.05
C ILE A 59 -6.05 -3.58 20.43
N PHE A 60 -6.14 -2.57 21.31
CA PHE A 60 -6.70 -2.77 22.65
C PHE A 60 -8.13 -3.38 22.55
N SER A 61 -8.92 -2.88 21.63
CA SER A 61 -10.35 -3.24 21.51
C SER A 61 -10.50 -4.58 20.75
N GLY A 62 -9.47 -5.03 20.06
CA GLY A 62 -9.53 -6.26 19.25
C GLY A 62 -10.08 -6.04 17.83
N GLN A 64 -8.64 -4.53 15.44
CA GLN A 64 -7.46 -4.71 14.57
C GLN A 64 -6.36 -5.48 15.31
N GLU A 65 -5.61 -6.33 14.61
CA GLU A 65 -4.58 -7.18 15.24
C GLU A 65 -3.20 -6.55 15.09
N LYS A 66 -3.01 -5.84 13.98
CA LYS A 66 -1.67 -5.34 13.61
C LYS A 66 -1.80 -4.11 12.74
N ALA A 67 -0.72 -3.34 12.69
CA ALA A 67 -0.64 -2.16 11.82
C ALA A 67 0.71 -2.13 11.13
N VAL A 68 0.71 -1.73 9.87
CA VAL A 68 1.96 -1.53 9.12
C VAL A 68 2.06 -0.04 8.83
N ILE A 69 3.20 0.56 9.19
CA ILE A 69 3.33 2.03 9.16
C ILE A 69 4.62 2.38 8.40
N PRO A 70 4.58 2.88 7.13
CA PRO A 70 5.70 3.52 6.39
C PRO A 70 5.98 4.92 6.96
N LEU A 71 7.03 5.07 7.77
CA LEU A 71 7.25 6.33 8.51
C LEU A 71 8.20 7.24 7.71
N HIS A 72 7.75 8.44 7.43
CA HIS A 72 8.51 9.47 6.68
C HIS A 72 9.39 10.23 7.68
N THR A 73 10.70 10.19 7.43
CA THR A 73 11.71 10.85 8.29
C THR A 73 12.37 11.97 7.52
N GLY A 74 13.47 12.50 8.05
CA GLY A 74 14.18 13.63 7.42
C GLY A 74 14.85 13.25 6.10
N ASN A 75 14.76 14.15 5.10
CA ASN A 75 15.38 13.97 3.76
C ASN A 75 14.63 12.89 2.99
N ASN A 76 13.30 12.97 2.98
CA ASN A 76 12.44 12.05 2.19
C ASN A 76 12.84 10.60 2.44
N HIS A 77 13.35 10.31 3.63
CA HIS A 77 13.74 8.92 4.00
C HIS A 77 12.54 8.16 4.58
N TRP A 78 12.43 6.88 4.25
CA TRP A 78 11.31 6.04 4.72
C TRP A 78 11.89 4.97 5.65
N VAL A 79 11.18 4.69 6.73
CA VAL A 79 11.56 3.59 7.67
C VAL A 79 10.33 2.69 7.89
N ALA A 80 10.55 1.48 8.36
CA ALA A 80 9.45 0.51 8.55
C ALA A 80 9.15 0.35 10.03
N ALA A 82 6.20 -1.78 12.34
CA ALA A 82 5.01 -2.62 12.51
C ALA A 82 4.62 -2.74 13.99
N ILE A 83 3.33 -2.71 14.25
CA ILE A 83 2.80 -2.77 15.65
C ILE A 83 1.77 -3.89 15.71
N LYS A 84 2.02 -4.89 16.54
CA LYS A 84 1.11 -6.05 16.62
C LYS A 84 0.80 -6.38 18.09
N LYS A 85 -0.30 -7.10 18.27
CA LYS A 85 -0.51 -7.86 19.52
C LYS A 85 0.51 -8.98 19.52
N GLY A 86 1.29 -9.06 20.60
CA GLY A 86 2.21 -10.17 20.81
C GLY A 86 1.52 -11.33 21.51
N ASN A 88 0.63 -13.44 24.99
CA ASN A 88 0.13 -13.00 26.27
C ASN A 88 -0.57 -11.65 26.05
N ASP A 89 -0.20 -10.62 26.80
CA ASP A 89 -0.89 -9.31 26.65
C ASP A 89 0.12 -8.28 26.14
N ASP A 90 1.05 -8.70 25.30
CA ASP A 90 2.11 -7.76 24.88
C ASP A 90 1.73 -6.96 23.64
N ILE A 91 2.20 -5.72 23.57
CA ILE A 91 2.17 -4.92 22.33
C ILE A 91 3.61 -4.97 21.82
N VAL A 92 3.82 -5.40 20.59
CA VAL A 92 5.16 -5.55 20.01
C VAL A 92 5.36 -4.51 18.93
N ILE A 93 6.36 -3.66 19.09
CA ILE A 93 6.71 -2.67 18.06
C ILE A 93 7.98 -3.15 17.35
N SER A 94 7.87 -3.52 16.09
CA SER A 94 9.02 -3.97 15.28
C SER A 94 9.41 -2.84 14.33
N TYR A 95 10.72 -2.59 14.19
CA TYR A 95 11.22 -1.41 13.47
C TYR A 95 12.49 -1.74 12.67
N ASN A 96 12.60 -1.16 11.48
CA ASN A 96 13.85 -1.28 10.70
C ASN A 96 13.96 -0.07 9.78
N ASP A 97 15.02 0.68 9.97
CA ASP A 97 15.49 1.74 9.07
C ASP A 97 16.43 1.08 8.04
N PRO A 98 16.13 1.15 6.72
CA PRO A 98 16.89 0.53 5.59
C PRO A 98 18.35 1.04 5.55
N GLY A 100 20.02 1.30 8.30
CA GLY A 100 20.62 0.65 9.47
C GLY A 100 20.69 1.54 10.69
N VAL A 101 20.07 2.72 10.64
CA VAL A 101 20.12 3.69 11.79
C VAL A 101 19.18 3.21 12.91
N SER A 102 19.64 3.30 14.14
CA SER A 102 18.86 2.91 15.35
C SER A 102 17.56 3.67 15.46
N ILE A 103 16.53 2.98 15.97
CA ILE A 103 15.26 3.68 16.35
C ILE A 103 15.58 4.77 17.40
N ASP A 104 16.60 4.54 18.20
CA ASP A 104 16.95 5.51 19.27
C ASP A 104 17.33 6.86 18.65
N ASP A 105 17.85 6.89 17.43
CA ASP A 105 18.17 8.17 16.75
C ASP A 105 16.90 9.00 16.54
N LYS A 106 15.75 8.34 16.49
CA LYS A 106 14.48 9.01 16.15
C LYS A 106 13.82 9.46 17.47
N VAL A 107 14.30 10.55 18.02
CA VAL A 107 13.95 10.96 19.41
C VAL A 107 12.45 11.21 19.51
N THR A 108 11.90 11.95 18.56
CA THR A 108 10.46 12.22 18.49
C THR A 108 9.67 10.91 18.62
N LEU A 109 10.01 9.92 17.78
CA LEU A 109 9.25 8.65 17.76
C LEU A 109 9.38 7.94 19.12
N ILE A 110 10.56 7.92 19.72
CA ILE A 110 10.77 7.23 21.00
C ILE A 110 9.96 7.95 22.10
N ASN A 111 9.93 9.28 22.10
CA ASN A 111 9.13 10.04 23.07
C ASN A 111 7.64 9.71 22.89
N CYS A 112 7.15 9.72 21.65
CA CYS A 112 5.76 9.36 21.34
C CYS A 112 5.45 7.98 21.94
N ILE A 113 6.28 7.00 21.65
CA ILE A 113 5.99 5.60 22.08
C ILE A 113 5.98 5.53 23.61
N LYS A 114 6.99 6.09 24.26
CA LYS A 114 7.08 6.08 25.74
C LYS A 114 5.80 6.71 26.34
N GLU A 115 5.26 7.74 25.70
CA GLU A 115 4.03 8.40 26.22
C GLU A 115 2.82 7.47 26.08
N LEU A 116 2.66 6.82 24.94
CA LEU A 116 1.39 6.11 24.59
C LEU A 116 1.41 4.68 25.12
N CYS A 117 2.55 4.03 25.13
CA CYS A 117 2.58 2.59 25.45
C CYS A 117 3.95 2.28 26.02
N PRO A 118 4.32 2.71 27.27
CA PRO A 118 5.66 2.54 27.82
C PRO A 118 6.00 1.06 28.11
N GLY A 119 4.98 0.19 28.14
CA GLY A 119 5.15 -1.26 28.29
C GLY A 119 5.47 -1.98 26.97
N ALA A 120 5.46 -1.28 25.85
CA ALA A 120 5.59 -1.91 24.51
C ALA A 120 6.94 -2.58 24.35
N LYS A 121 6.99 -3.76 23.75
CA LYS A 121 8.26 -4.46 23.50
C LYS A 121 8.84 -3.91 22.18
N ILE A 122 9.96 -3.20 22.29
CA ILE A 122 10.58 -2.55 21.11
C ILE A 122 11.58 -3.53 20.51
N ASN A 123 11.40 -3.81 19.23
CA ASN A 123 12.20 -4.77 18.46
C ASN A 123 12.82 -4.01 17.29
N ASP A 124 13.96 -3.37 17.55
CA ASP A 124 14.74 -2.65 16.51
C ASP A 124 15.68 -3.64 15.83
N LEU A 125 15.36 -4.02 14.61
CA LEU A 125 16.18 -5.02 13.87
C LEU A 125 17.50 -4.38 13.43
N GLN A 126 17.57 -3.05 13.35
CA GLN A 126 18.79 -2.29 12.99
C GLN A 126 19.60 -3.04 11.93
N THR A 127 19.12 -3.04 10.70
CA THR A 127 19.79 -3.84 9.66
C THR A 127 20.02 -2.93 8.44
N VAL A 128 21.27 -2.69 8.11
CA VAL A 128 21.57 -1.92 6.87
C VAL A 128 21.09 -2.81 5.72
N GLN A 129 20.36 -2.22 4.78
CA GLN A 129 19.78 -2.96 3.64
C GLN A 129 20.03 -2.23 2.35
N GLN A 130 19.69 -0.95 2.29
CA GLN A 130 19.87 -0.17 1.04
C GLN A 130 21.36 0.06 0.74
N THR A 131 21.70 0.10 -0.53
CA THR A 131 23.09 0.26 -1.00
C THR A 131 23.19 1.55 -1.82
N ASN A 132 22.09 2.29 -1.91
CA ASN A 132 22.04 3.59 -2.64
C ASN A 132 21.04 4.53 -1.97
N VAL A 133 20.88 5.72 -2.51
CA VAL A 133 19.98 6.74 -1.90
C VAL A 133 18.55 6.59 -2.44
N TYR A 134 18.21 5.48 -3.09
CA TYR A 134 16.88 5.36 -3.75
C TYR A 134 16.06 4.17 -3.30
N ASP A 135 16.62 3.24 -2.54
CA ASP A 135 15.99 1.93 -2.29
C ASP A 135 15.26 1.86 -0.92
N CYS A 136 15.09 2.98 -0.21
CA CYS A 136 14.30 2.97 1.05
C CYS A 136 12.89 2.38 0.80
N GLY A 137 12.22 2.94 -0.20
CA GLY A 137 10.86 2.52 -0.60
C GLY A 137 10.72 1.01 -0.75
N PRO A 138 11.49 0.32 -1.65
CA PRO A 138 11.42 -1.15 -1.80
C PRO A 138 11.67 -1.92 -0.50
N PHE A 139 12.64 -1.50 0.30
CA PHE A 139 12.98 -2.20 1.57
C PHE A 139 11.90 -1.99 2.65
N VAL A 140 11.36 -0.79 2.76
CA VAL A 140 10.27 -0.54 3.72
C VAL A 140 9.09 -1.47 3.39
N VAL A 141 8.77 -1.62 2.11
CA VAL A 141 7.64 -2.49 1.71
C VAL A 141 7.99 -3.92 2.11
N ASP A 142 9.15 -4.40 1.74
CA ASP A 142 9.52 -5.82 2.01
C ASP A 142 9.60 -6.02 3.52
N ASN A 143 10.13 -5.03 4.25
CA ASN A 143 10.22 -5.15 5.72
C ASN A 143 8.80 -5.21 6.32
N LEU A 144 7.93 -4.32 5.92
CA LEU A 144 6.59 -4.23 6.57
C LEU A 144 5.86 -5.55 6.36
N ILE A 145 5.95 -6.13 5.17
CA ILE A 145 5.28 -7.41 4.87
C ILE A 145 5.83 -8.48 5.82
N LYS A 146 7.14 -8.58 5.94
CA LYS A 146 7.73 -9.69 6.72
C LYS A 146 7.53 -9.48 8.22
N SER A 148 5.26 -7.82 9.90
CA SER A 148 3.84 -8.05 10.17
C SER A 148 3.53 -9.51 10.56
N GLN A 149 4.23 -10.46 9.98
CA GLN A 149 3.98 -11.92 10.16
C GLN A 149 5.06 -12.60 11.00
N GLY A 150 5.97 -11.82 11.63
CA GLY A 150 7.06 -12.34 12.47
C GLY A 150 7.97 -13.26 11.66
N GLN A 151 8.20 -12.89 10.39
CA GLN A 151 9.16 -13.54 9.47
C GLN A 151 10.44 -12.72 9.46
N PRO A 152 11.63 -13.34 9.32
CA PRO A 152 12.88 -12.58 9.36
C PRO A 152 13.03 -11.70 8.11
N ILE A 153 13.45 -10.42 8.29
CA ILE A 153 13.64 -9.44 7.18
C ILE A 153 14.95 -9.80 6.46
N LEU A 154 15.18 -9.28 5.28
CA LEU A 154 16.43 -9.52 4.55
C LEU A 154 17.63 -8.98 5.35
N SER A 155 18.65 -9.82 5.52
CA SER A 155 19.93 -9.44 6.15
C SER A 155 20.67 -8.48 5.20
N THR A 156 21.69 -7.84 5.69
CA THR A 156 22.53 -6.92 4.92
C THR A 156 23.05 -7.64 3.67
N GLU A 157 23.39 -8.91 3.77
CA GLU A 157 23.95 -9.67 2.62
C GLU A 157 22.85 -10.01 1.61
N GLU A 158 21.74 -10.59 2.08
CA GLU A 158 20.58 -10.91 1.21
C GLU A 158 20.05 -9.61 0.58
N ALA A 159 20.02 -8.52 1.33
CA ALA A 159 19.56 -7.21 0.83
C ALA A 159 20.43 -6.81 -0.35
N LYS A 160 21.73 -6.92 -0.19
CA LYS A 160 22.67 -6.52 -1.26
C LYS A 160 22.40 -7.37 -2.49
N GLN A 161 22.09 -8.63 -2.26
CA GLN A 161 21.87 -9.61 -3.35
C GLN A 161 20.49 -9.43 -4.03
N GLN A 162 19.47 -8.98 -3.30
CA GLN A 162 18.07 -9.02 -3.75
C GLN A 162 17.51 -7.61 -4.07
N ALA A 163 18.25 -6.54 -3.87
CA ALA A 163 17.73 -5.17 -3.95
C ALA A 163 16.99 -4.95 -5.29
N GLN A 164 17.62 -5.32 -6.40
CA GLN A 164 17.02 -5.00 -7.71
C GLN A 164 15.82 -5.94 -7.98
N ASN A 165 15.89 -7.16 -7.47
CA ASN A 165 14.82 -8.16 -7.68
C ASN A 165 13.56 -7.70 -6.94
N ILE A 166 13.69 -7.33 -5.67
CA ILE A 166 12.48 -6.94 -4.88
C ILE A 166 11.91 -5.64 -5.47
N ARG A 167 12.76 -4.73 -5.95
CA ARG A 167 12.26 -3.52 -6.61
C ARG A 167 11.50 -3.90 -7.88
N GLN A 168 12.09 -4.77 -8.71
CA GLN A 168 11.47 -5.09 -9.99
C GLN A 168 10.11 -5.75 -9.75
N SER A 169 10.01 -6.66 -8.80
CA SER A 169 8.73 -7.35 -8.48
C SER A 169 7.67 -6.35 -8.05
N GLN A 170 8.05 -5.37 -7.23
CA GLN A 170 7.12 -4.36 -6.68
C GLN A 170 6.71 -3.36 -7.79
N VAL A 171 7.66 -2.98 -8.61
CA VAL A 171 7.40 -1.98 -9.68
C VAL A 171 6.59 -2.63 -10.78
N ASN A 172 6.70 -3.94 -11.00
CA ASN A 172 5.85 -4.64 -11.99
C ASN A 172 4.37 -4.43 -11.57
N PHE A 173 4.08 -4.69 -10.30
CA PHE A 173 2.71 -4.44 -9.78
C PHE A 173 2.32 -2.98 -9.98
N LEU A 174 3.15 -2.04 -9.55
CA LEU A 174 2.80 -0.60 -9.64
C LEU A 174 2.42 -0.24 -11.08
N SER A 175 3.22 -0.68 -12.05
CA SER A 175 2.96 -0.40 -13.49
C SER A 175 1.61 -1.00 -13.91
N GLU A 176 1.43 -2.29 -13.68
CA GLU A 176 0.15 -2.95 -14.00
C GLU A 176 -1.02 -2.21 -13.31
N ASN A 177 -0.87 -1.92 -12.02
CA ASN A 177 -1.93 -1.24 -11.23
C ASN A 177 -2.30 0.09 -11.91
N ARG A 178 -1.30 0.90 -12.21
CA ARG A 178 -1.54 2.22 -12.83
C ARG A 178 -2.24 2.06 -14.19
N ILE A 180 -4.01 -0.58 -15.53
CA ILE A 180 -5.35 -1.12 -15.36
C ILE A 180 -6.28 -0.03 -14.81
N THR A 181 -5.82 0.74 -13.83
CA THR A 181 -6.67 1.74 -13.18
C THR A 181 -6.99 2.85 -14.20
N SER A 182 -6.03 3.22 -15.03
CA SER A 182 -6.23 4.28 -16.05
C SER A 182 -7.24 3.77 -17.10
N ALA A 183 -7.09 2.51 -17.49
CA ALA A 183 -8.00 1.93 -18.50
C ALA A 183 -9.39 1.79 -17.89
N ALA A 184 -9.48 1.43 -16.60
CA ALA A 184 -10.78 1.28 -15.92
C ALA A 184 -11.43 2.66 -15.79
N ALA A 185 -10.67 3.67 -15.40
CA ALA A 185 -11.23 5.02 -15.16
C ALA A 185 -11.71 5.63 -16.47
N ALA A 186 -11.03 5.37 -17.58
CA ALA A 186 -11.44 5.92 -18.88
C ALA A 186 -12.73 5.25 -19.34
N LEU A 187 -12.85 3.92 -19.18
CA LEU A 187 -14.10 3.22 -19.50
C LEU A 187 -15.19 3.71 -18.57
N ALA A 188 -14.89 3.91 -17.30
CA ALA A 188 -15.88 4.42 -16.31
C ALA A 188 -16.39 5.79 -16.78
N ASP A 189 -15.52 6.63 -17.27
CA ASP A 189 -15.92 7.99 -17.73
C ASP A 189 -16.88 7.88 -18.92
N THR A 190 -16.63 6.98 -19.83
CA THR A 190 -17.49 6.85 -21.03
C THR A 190 -18.84 6.27 -20.62
N LEU A 191 -18.88 5.43 -19.59
CA LEU A 191 -20.16 4.82 -19.15
C LEU A 191 -20.95 5.78 -18.27
N LEU A 192 -20.30 6.64 -17.51
CA LEU A 192 -20.99 7.58 -16.60
C LEU A 192 -21.49 8.82 -17.33
N LYS A 193 -20.82 9.22 -18.41
CA LYS A 193 -21.23 10.42 -19.20
C LYS A 193 -21.35 11.64 -18.27
N ASN A 194 -22.51 12.28 -18.17
CA ASN A 194 -22.70 13.49 -17.34
C ASN A 194 -23.22 13.12 -15.95
N ASN A 195 -23.02 11.89 -15.51
CA ASN A 195 -23.47 11.45 -14.17
C ASN A 195 -22.29 11.25 -13.22
N ASN A 196 -22.48 11.62 -11.96
CA ASN A 196 -21.47 11.33 -10.90
C ASN A 196 -21.82 9.98 -10.29
N ARG A 197 -23.07 9.57 -10.44
CA ARG A 197 -23.57 8.31 -9.87
C ARG A 197 -24.61 7.71 -10.82
N ILE A 198 -24.64 6.38 -10.93
CA ILE A 198 -25.64 5.71 -11.82
C ILE A 198 -26.24 4.48 -11.14
N THR A 199 -27.42 4.10 -11.57
CA THR A 199 -28.09 2.86 -11.13
C THR A 199 -27.54 1.67 -11.88
N GLU A 200 -27.74 0.47 -11.34
CA GLU A 200 -27.39 -0.79 -12.05
C GLU A 200 -28.09 -0.80 -13.41
N GLY A 201 -29.35 -0.40 -13.45
CA GLY A 201 -30.14 -0.40 -14.68
C GLY A 201 -29.55 0.58 -15.69
N VAL A 202 -29.15 1.76 -15.22
CA VAL A 202 -28.59 2.73 -16.18
C VAL A 202 -27.21 2.21 -16.66
N LEU A 203 -26.43 1.61 -15.78
CA LEU A 203 -25.11 1.08 -16.19
C LEU A 203 -25.30 0.03 -17.29
N VAL A 204 -26.29 -0.84 -17.10
CA VAL A 204 -26.53 -1.93 -18.09
C VAL A 204 -27.04 -1.31 -19.40
N ASP A 205 -27.99 -0.40 -19.31
CA ASP A 205 -28.43 0.38 -20.51
C ASP A 205 -27.18 0.88 -21.24
N ARG A 206 -26.29 1.58 -20.50
CA ARG A 206 -25.14 2.24 -21.12
C ARG A 206 -24.22 1.18 -21.74
N ILE A 207 -24.13 -0.01 -21.15
CA ILE A 207 -23.28 -1.07 -21.74
C ILE A 207 -23.94 -1.62 -23.02
N PHE A 208 -25.25 -1.81 -23.03
CA PHE A 208 -25.94 -2.31 -24.26
C PHE A 208 -25.84 -1.26 -25.37
N ASP A 209 -25.92 0.01 -25.05
CA ASP A 209 -25.97 1.10 -26.07
C ASP A 209 -24.58 1.47 -26.56
N ASN A 210 -23.53 1.08 -25.85
CA ASN A 210 -22.16 1.54 -26.16
C ASN A 210 -21.81 1.12 -27.60
N LYS A 211 -21.32 2.06 -28.40
CA LYS A 211 -21.05 1.82 -29.84
C LYS A 211 -19.65 1.28 -30.15
N ILE A 212 -18.76 1.17 -29.16
CA ILE A 212 -17.33 0.84 -29.39
C ILE A 212 -17.04 -0.60 -28.93
N LEU A 213 -17.54 -1.02 -27.77
CA LEU A 213 -17.36 -2.41 -27.32
C LEU A 213 -18.02 -3.37 -28.31
N SER A 214 -17.53 -4.60 -28.34
CA SER A 214 -18.12 -5.71 -29.13
C SER A 214 -19.03 -6.56 -28.24
N VAL A 215 -19.77 -7.46 -28.85
CA VAL A 215 -20.71 -8.37 -28.14
C VAL A 215 -19.94 -9.16 -27.08
N GLN A 216 -18.83 -9.78 -27.46
CA GLN A 216 -18.03 -10.58 -26.48
C GLN A 216 -17.70 -9.68 -25.28
N GLU A 217 -17.12 -8.52 -25.54
CA GLU A 217 -16.63 -7.63 -24.44
C GLU A 217 -17.82 -7.20 -23.59
N LYS A 218 -18.96 -6.86 -24.22
CA LYS A 218 -20.16 -6.44 -23.46
C LYS A 218 -20.70 -7.62 -22.66
N GLN A 219 -20.68 -8.83 -23.20
CA GLN A 219 -21.25 -9.99 -22.48
C GLN A 219 -20.22 -10.53 -21.48
N GLN A 220 -18.95 -10.44 -21.78
CA GLN A 220 -17.91 -10.71 -20.74
C GLN A 220 -18.03 -9.68 -19.62
N LEU A 221 -18.36 -8.44 -19.95
CA LEU A 221 -18.48 -7.36 -18.93
C LEU A 221 -19.62 -7.64 -17.95
N LEU A 222 -20.86 -7.77 -18.44
CA LEU A 222 -22.01 -8.08 -17.56
C LEU A 222 -21.71 -9.36 -16.78
N ASN A 223 -21.14 -10.36 -17.45
CA ASN A 223 -20.73 -11.62 -16.78
C ASN A 223 -19.72 -11.29 -15.70
N ASN A 224 -18.59 -10.67 -16.09
CA ASN A 224 -17.53 -10.35 -15.11
C ASN A 224 -18.10 -9.54 -13.94
N LEU A 225 -19.20 -8.81 -14.16
CA LEU A 225 -19.85 -8.03 -13.09
C LEU A 225 -20.72 -8.97 -12.28
N LEU A 226 -21.12 -10.10 -12.86
CA LEU A 226 -22.02 -11.07 -12.18
C LEU A 226 -23.45 -10.52 -12.17
N SER A 235 -26.18 3.72 -7.29
CA SER A 235 -25.30 3.43 -6.13
C SER A 235 -23.84 3.27 -6.60
N LEU A 236 -23.59 3.45 -7.90
CA LEU A 236 -22.22 3.32 -8.44
C LEU A 236 -21.65 4.68 -8.80
N THR A 237 -20.42 4.91 -8.35
CA THR A 237 -19.68 6.16 -8.53
C THR A 237 -18.53 5.95 -9.49
N LYS A 238 -17.88 7.04 -9.88
CA LYS A 238 -16.63 6.98 -10.63
C LYS A 238 -15.67 6.01 -9.90
N GLU A 239 -15.53 6.15 -8.59
CA GLU A 239 -14.55 5.35 -7.81
C GLU A 239 -14.96 3.86 -7.78
N SER A 240 -16.21 3.57 -7.47
CA SER A 240 -16.68 2.16 -7.32
C SER A 240 -16.77 1.50 -8.69
N LEU A 241 -17.12 2.25 -9.72
CA LEU A 241 -17.21 1.65 -11.08
C LEU A 241 -15.78 1.40 -11.60
N THR A 242 -14.86 2.34 -11.36
CA THR A 242 -13.45 2.15 -11.74
C THR A 242 -12.93 0.86 -11.11
N ARG A 243 -13.17 0.71 -9.82
CA ARG A 243 -12.72 -0.48 -9.06
C ARG A 243 -13.33 -1.75 -9.69
N LEU A 245 -14.46 -2.18 -12.86
CA LEU A 245 -13.96 -2.40 -14.22
C LEU A 245 -12.51 -2.89 -14.15
N ALA A 246 -11.78 -2.51 -13.12
CA ALA A 246 -10.36 -2.91 -12.96
C ALA A 246 -10.26 -4.41 -12.66
N SER A 247 -11.32 -5.00 -12.12
CA SER A 247 -11.34 -6.45 -11.82
C SER A 247 -11.83 -7.26 -13.02
N THR A 248 -12.09 -6.62 -14.16
CA THR A 248 -12.66 -7.32 -15.34
C THR A 248 -11.53 -7.83 -16.25
N HIS A 249 -11.67 -9.04 -16.81
CA HIS A 249 -10.55 -9.64 -17.58
C HIS A 249 -10.23 -8.78 -18.83
N PHE A 250 -11.24 -8.25 -19.50
CA PHE A 250 -11.01 -7.61 -20.81
C PHE A 250 -10.41 -6.21 -20.59
N VAL A 251 -10.62 -5.59 -19.44
CA VAL A 251 -9.94 -4.29 -19.15
C VAL A 251 -8.46 -4.57 -18.87
N GLN A 252 -8.19 -5.67 -18.19
CA GLN A 252 -6.79 -6.09 -17.91
C GLN A 252 -6.12 -6.38 -19.25
N GLN A 253 -6.88 -6.95 -20.20
CA GLN A 253 -6.29 -7.22 -21.55
C GLN A 253 -5.87 -5.91 -22.21
N GLN A 254 -6.74 -4.90 -22.24
CA GLN A 254 -6.40 -3.60 -22.87
C GLN A 254 -5.16 -2.96 -22.22
N ALA A 255 -5.10 -2.93 -20.90
CA ALA A 255 -3.90 -2.38 -20.21
C ALA A 255 -2.63 -3.19 -20.53
N ASN A 256 -2.75 -4.50 -20.70
CA ASN A 256 -1.61 -5.38 -21.04
C ASN A 256 -1.09 -5.00 -22.43
N VAL A 257 -1.98 -4.75 -23.39
CA VAL A 257 -1.52 -4.28 -24.73
C VAL A 257 -0.80 -2.95 -24.54
N LEU A 258 -1.32 -2.03 -23.73
CA LEU A 258 -0.55 -0.79 -23.47
C LEU A 258 0.78 -1.17 -22.78
N LEU A 259 1.76 -1.63 -23.57
CA LEU A 259 3.10 -2.05 -23.09
C LEU A 259 4.08 -1.82 -24.24
#